data_9QU3
#
_entry.id   9QU3
#
_cell.length_a   1.00
_cell.length_b   1.00
_cell.length_c   1.00
_cell.angle_alpha   90.00
_cell.angle_beta   90.00
_cell.angle_gamma   90.00
#
_symmetry.space_group_name_H-M   'P 1'
#
_entity_poly.entity_id   1
_entity_poly.type   'polypeptide(L)'
_entity_poly.pdbx_seq_one_letter_code
;MGCCSSASSAAQSSKREWKPLEDRSCTDIPWLLLFILFCIGMGFICGFSIATGAAARLVSGYDSYGNICGQKNTKLEAIP
NSGMDHTQRKYVFFLDPCNLDLINRKIKSVALCVAACPRQELKTLSDVQKFAEINGSALCSYNLKPSEYTTSPKSSVLCP
KLPVPASAPIPFFHRCAPVNISCYAKFAEALITFVSDNSVLHRLISGVMTSKEIILGLCLLSLVLSMILMVIIRYISRVL
VWILTILVILGSLGGTGVLWWLYAKQRRSPKETVTPEQLQIAEDNLRALLIYAISATVFTVILFLIMLVMRKRVALTIAL
FHVAGKVFIHLPLLVFQPFWTFFALVLFWVYWIMTLLFLGTTGSPVQNEQGFVEFKISGPLQYMWWYHVVGLIWISEFIL
ACQQMTVAGAVVTYYFTRDKRNLPFTPILASVNRLIRYHLGTVAKGSFIITLVKIPRMILMYIHSQLKGKENACARCVLK
SCICCLWCLEKCLNYLNQNAYTATAINSTNFCTSAKDAFVILVENALRVATINTVGDFMLFLGKVLIVCSTGLAGIMLLN
YQQDYTVWVLPLIIVCLFAFLVAHCFLSIYEMVVDVLFLCFAIDTKYNDGSPGREFYMDKVLMEFVENSRKAMKEAGKGG
VADSRELKPMASGASSAGLVPR
;
_entity_poly.pdbx_strand_id   A
#
# COMPACT_ATOMS: atom_id res chain seq x y z
N TRP A 18 -17.03 -10.25 -21.41
CA TRP A 18 -16.36 -9.58 -20.27
C TRP A 18 -15.32 -8.58 -20.75
N LYS A 19 -15.36 -7.37 -20.19
CA LYS A 19 -14.42 -6.32 -20.53
C LYS A 19 -13.93 -5.67 -19.24
N PRO A 20 -12.64 -5.35 -19.14
CA PRO A 20 -12.14 -4.65 -17.95
C PRO A 20 -12.49 -3.17 -17.98
N LEU A 21 -12.50 -2.57 -16.79
CA LEU A 21 -12.72 -1.13 -16.65
C LEU A 21 -14.08 -0.75 -17.26
N GLU A 22 -15.13 -1.45 -16.80
CA GLU A 22 -16.42 -1.42 -17.46
C GLU A 22 -17.46 -0.77 -16.53
N ASP A 23 -18.02 0.34 -16.98
CA ASP A 23 -19.20 0.97 -16.32
C ASP A 23 -19.06 1.00 -14.81
N ARG A 24 -18.08 1.77 -14.34
CA ARG A 24 -17.81 1.86 -12.91
C ARG A 24 -19.00 2.48 -12.19
N SER A 25 -19.21 2.08 -10.94
CA SER A 25 -20.25 2.67 -10.11
C SER A 25 -19.79 2.64 -8.66
N CYS A 26 -20.34 3.55 -7.87
CA CYS A 26 -19.96 3.64 -6.46
C CYS A 26 -20.22 2.32 -5.77
N THR A 27 -19.25 1.89 -4.95
CA THR A 27 -19.30 0.61 -4.27
C THR A 27 -19.27 0.81 -2.77
N ASP A 28 -19.93 -0.09 -2.05
CA ASP A 28 -20.00 -0.06 -0.60
C ASP A 28 -20.49 1.29 -0.11
N ILE A 29 -21.71 1.64 -0.52
CA ILE A 29 -22.30 2.90 -0.08
C ILE A 29 -22.47 2.95 1.43
N PRO A 30 -23.00 1.92 2.09
CA PRO A 30 -23.14 2.01 3.55
C PRO A 30 -21.81 2.24 4.26
N TRP A 31 -20.72 1.61 3.78
CA TRP A 31 -19.44 1.79 4.43
C TRP A 31 -18.88 3.18 4.19
N LEU A 32 -19.09 3.74 3.00
CA LEU A 32 -18.69 5.12 2.75
C LEU A 32 -19.46 6.08 3.65
N LEU A 33 -20.76 5.86 3.81
CA LEU A 33 -21.55 6.70 4.70
C LEU A 33 -21.07 6.58 6.14
N LEU A 34 -20.76 5.36 6.58
CA LEU A 34 -20.25 5.17 7.94
C LEU A 34 -18.92 5.88 8.12
N PHE A 35 -18.04 5.81 7.12
CA PHE A 35 -16.76 6.49 7.22
C PHE A 35 -16.93 8.00 7.26
N ILE A 36 -17.85 8.53 6.46
CA ILE A 36 -18.10 9.98 6.48
C ILE A 36 -18.66 10.39 7.84
N LEU A 37 -19.58 9.59 8.39
CA LEU A 37 -20.13 9.91 9.71
C LEU A 37 -19.03 9.85 10.77
N PHE A 38 -18.12 8.89 10.65
CA PHE A 38 -17.03 8.77 11.61
C PHE A 38 -16.06 9.95 11.51
N CYS A 39 -15.77 10.39 10.29
CA CYS A 39 -14.92 11.56 10.10
C CYS A 39 -15.61 12.82 10.63
N ILE A 40 -16.94 12.91 10.45
CA ILE A 40 -17.68 14.01 11.04
C ILE A 40 -17.63 13.95 12.55
N GLY A 41 -17.62 12.74 13.12
CA GLY A 41 -17.46 12.60 14.55
C GLY A 41 -16.09 13.08 15.02
N MET A 42 -15.04 12.76 14.27
CA MET A 42 -13.72 13.28 14.60
C MET A 42 -13.68 14.81 14.51
N GLY A 43 -14.31 15.37 13.47
CA GLY A 43 -14.44 16.81 13.39
C GLY A 43 -15.22 17.37 14.57
N PHE A 44 -16.22 16.63 15.04
CA PHE A 44 -16.95 17.04 16.24
C PHE A 44 -16.06 17.03 17.46
N ILE A 45 -15.14 16.07 17.55
CA ILE A 45 -14.17 16.06 18.63
C ILE A 45 -13.34 17.33 18.58
N CYS A 46 -12.77 17.63 17.41
CA CYS A 46 -11.91 18.79 17.26
C CYS A 46 -12.68 20.10 17.32
N GLY A 47 -14.01 20.06 17.22
CA GLY A 47 -14.82 21.25 17.33
C GLY A 47 -15.28 21.48 18.76
N PHE A 48 -15.65 20.41 19.45
CA PHE A 48 -15.98 20.51 20.86
C PHE A 48 -14.77 20.96 21.67
N SER A 49 -13.60 20.41 21.38
CA SER A 49 -12.40 20.84 22.09
C SER A 49 -12.16 22.33 21.87
N ILE A 50 -12.29 22.80 20.63
CA ILE A 50 -12.05 24.21 20.35
C ILE A 50 -13.10 25.08 21.03
N ALA A 51 -14.37 24.67 20.95
CA ALA A 51 -15.45 25.50 21.50
C ALA A 51 -15.34 25.62 23.00
N THR A 52 -15.03 24.52 23.70
CA THR A 52 -14.88 24.59 25.14
C THR A 52 -13.71 25.45 25.57
N GLY A 53 -12.77 25.75 24.67
CA GLY A 53 -11.62 26.58 24.97
C GLY A 53 -10.30 25.86 24.91
N ALA A 54 -10.29 24.56 24.59
CA ALA A 54 -9.05 23.80 24.56
C ALA A 54 -8.00 24.45 23.69
N ALA A 55 -8.38 24.91 22.50
CA ALA A 55 -7.40 25.49 21.59
C ALA A 55 -6.76 26.74 22.19
N ALA A 56 -7.59 27.68 22.66
CA ALA A 56 -7.07 28.94 23.18
C ALA A 56 -6.22 28.70 24.43
N ARG A 57 -6.66 27.81 25.31
CA ARG A 57 -5.97 27.56 26.57
C ARG A 57 -4.86 26.54 26.44
N LEU A 58 -4.63 25.99 25.25
CA LEU A 58 -3.45 25.17 24.99
C LEU A 58 -2.38 25.94 24.23
N VAL A 59 -2.75 26.57 23.12
CA VAL A 59 -1.78 27.39 22.40
C VAL A 59 -1.29 28.53 23.29
N SER A 60 -2.20 29.15 24.03
CA SER A 60 -1.82 30.20 24.97
C SER A 60 -1.40 29.64 26.33
N GLY A 61 -1.71 28.38 26.61
CA GLY A 61 -1.35 27.79 27.89
C GLY A 61 -2.18 28.36 29.03
N TYR A 62 -2.34 27.59 30.10
CA TYR A 62 -3.09 28.02 31.28
C TYR A 62 -2.31 27.67 32.54
N ASP A 63 -2.58 28.44 33.59
CA ASP A 63 -1.90 28.25 34.86
C ASP A 63 -2.60 27.21 35.74
N ILE A 214 28.13 18.44 0.58
CA ILE A 214 28.70 17.17 1.02
C ILE A 214 27.61 16.30 1.62
N ILE A 215 27.04 16.75 2.73
CA ILE A 215 26.03 15.96 3.43
C ILE A 215 24.76 15.86 2.59
N LEU A 216 24.30 17.00 2.07
CA LEU A 216 23.09 16.99 1.25
C LEU A 216 23.32 16.30 -0.08
N GLY A 217 24.51 16.47 -0.66
CA GLY A 217 24.77 15.88 -1.97
C GLY A 217 24.58 14.38 -1.98
N LEU A 218 25.07 13.69 -0.95
CA LEU A 218 24.87 12.25 -0.86
C LEU A 218 23.40 11.91 -0.69
N CYS A 219 22.66 12.72 0.07
CA CYS A 219 21.23 12.47 0.24
C CYS A 219 20.51 12.52 -1.11
N LEU A 220 20.88 13.47 -1.96
CA LEU A 220 20.31 13.51 -3.30
C LEU A 220 20.68 12.27 -4.09
N LEU A 221 21.93 11.81 -3.94
CA LEU A 221 22.36 10.59 -4.62
C LEU A 221 21.52 9.39 -4.20
N SER A 222 20.91 9.44 -3.01
CA SER A 222 20.00 8.38 -2.61
C SER A 222 18.77 8.34 -3.51
N LEU A 223 18.24 9.52 -3.87
CA LEU A 223 17.07 9.56 -4.74
C LEU A 223 17.44 9.18 -6.17
N VAL A 224 18.58 9.66 -6.67
CA VAL A 224 18.98 9.38 -8.04
C VAL A 224 19.26 7.88 -8.22
N LEU A 225 19.98 7.30 -7.26
CA LEU A 225 20.33 5.88 -7.38
C LEU A 225 19.11 5.00 -7.13
N SER A 226 18.23 5.39 -6.22
CA SER A 226 17.02 4.61 -5.97
C SER A 226 16.11 4.59 -7.19
N MET A 227 15.93 5.75 -7.83
CA MET A 227 15.12 5.82 -9.04
C MET A 227 15.75 4.98 -10.15
N ILE A 228 17.08 4.99 -10.25
CA ILE A 228 17.75 4.11 -11.20
C ILE A 228 17.46 2.66 -10.88
N LEU A 229 17.36 2.31 -9.60
CA LEU A 229 17.05 0.94 -9.22
C LEU A 229 15.66 0.53 -9.65
N MET A 230 14.71 1.48 -9.70
CA MET A 230 13.37 1.15 -10.17
C MET A 230 13.36 0.72 -11.63
N VAL A 231 14.41 1.05 -12.39
CA VAL A 231 14.49 0.73 -13.81
C VAL A 231 15.52 -0.34 -14.11
N ILE A 232 16.41 -0.67 -13.18
CA ILE A 232 17.45 -1.67 -13.40
C ILE A 232 17.36 -2.86 -12.46
N ILE A 233 16.48 -2.82 -11.45
CA ILE A 233 16.34 -3.96 -10.55
C ILE A 233 15.82 -5.18 -11.29
N ARG A 234 15.11 -4.99 -12.40
CA ARG A 234 14.66 -6.12 -13.20
C ARG A 234 15.85 -6.92 -13.73
N TYR A 235 16.90 -6.22 -14.19
CA TYR A 235 18.08 -6.90 -14.69
C TYR A 235 18.95 -7.44 -13.57
N ILE A 236 19.01 -6.74 -12.43
CA ILE A 236 19.82 -7.21 -11.31
C ILE A 236 19.32 -8.56 -10.83
N SER A 237 18.00 -8.71 -10.68
CA SER A 237 17.44 -9.94 -10.14
C SER A 237 17.65 -11.12 -11.07
N ARG A 238 17.69 -10.87 -12.39
CA ARG A 238 17.82 -11.98 -13.34
C ARG A 238 19.13 -12.73 -13.12
N VAL A 239 20.23 -12.01 -12.94
CA VAL A 239 21.53 -12.65 -12.70
C VAL A 239 21.84 -12.79 -11.23
N LEU A 240 21.11 -12.09 -10.35
CA LEU A 240 21.40 -12.18 -8.92
C LEU A 240 20.92 -13.50 -8.34
N VAL A 241 19.72 -13.95 -8.76
CA VAL A 241 19.17 -15.19 -8.22
C VAL A 241 20.08 -16.37 -8.52
N TRP A 242 20.88 -16.29 -9.60
CA TRP A 242 21.70 -17.42 -9.99
C TRP A 242 22.73 -17.79 -8.92
N ILE A 243 23.41 -16.78 -8.36
CA ILE A 243 24.46 -17.09 -7.38
C ILE A 243 23.85 -17.66 -6.11
N LEU A 244 22.68 -17.17 -5.70
CA LEU A 244 21.97 -17.83 -4.60
C LEU A 244 21.53 -19.24 -4.99
N THR A 245 21.33 -19.50 -6.27
CA THR A 245 20.96 -20.83 -6.76
C THR A 245 22.17 -21.72 -6.97
N ILE A 246 23.37 -21.23 -6.72
CA ILE A 246 24.57 -22.03 -6.94
C ILE A 246 24.53 -23.30 -6.10
N LEU A 247 24.04 -23.20 -4.87
CA LEU A 247 23.92 -24.36 -3.99
C LEU A 247 23.10 -24.01 -2.75
N ILE A 306 14.37 -30.64 -4.96
CA ILE A 306 13.01 -30.14 -5.01
C ILE A 306 12.98 -28.69 -5.47
N MET A 307 14.16 -28.04 -5.45
CA MET A 307 14.24 -26.66 -5.91
C MET A 307 13.85 -26.53 -7.37
N LEU A 308 14.05 -27.59 -8.17
CA LEU A 308 13.70 -27.53 -9.58
C LEU A 308 12.20 -27.33 -9.77
N VAL A 309 11.38 -27.87 -8.87
CA VAL A 309 9.93 -27.73 -9.00
C VAL A 309 9.54 -26.26 -8.90
N MET A 310 10.16 -25.52 -7.98
CA MET A 310 9.81 -24.13 -7.74
C MET A 310 10.49 -23.16 -8.70
N ARG A 311 11.37 -23.66 -9.57
CA ARG A 311 12.14 -22.78 -10.44
C ARG A 311 11.23 -21.95 -11.36
N LYS A 312 10.21 -22.59 -11.93
CA LYS A 312 9.29 -21.88 -12.82
C LYS A 312 8.63 -20.70 -12.12
N ARG A 313 8.34 -20.83 -10.83
CA ARG A 313 7.73 -19.74 -10.08
C ARG A 313 8.70 -18.60 -9.82
N VAL A 314 9.98 -18.90 -9.60
CA VAL A 314 10.99 -17.85 -9.52
C VAL A 314 11.11 -17.14 -10.86
N ALA A 315 11.02 -17.89 -11.96
CA ALA A 315 11.03 -17.27 -13.28
C ALA A 315 9.84 -16.35 -13.45
N LEU A 316 8.66 -16.78 -12.97
CA LEU A 316 7.48 -15.92 -13.03
C LEU A 316 7.70 -14.65 -12.21
N THR A 317 8.31 -14.78 -11.03
CA THR A 317 8.62 -13.60 -10.23
C THR A 317 9.53 -12.65 -10.98
N ILE A 318 10.54 -13.18 -11.65
CA ILE A 318 11.46 -12.34 -12.41
C ILE A 318 10.74 -11.65 -13.55
N ALA A 319 9.85 -12.37 -14.24
CA ALA A 319 9.08 -11.75 -15.33
C ALA A 319 8.19 -10.65 -14.80
N LEU A 320 7.56 -10.86 -13.64
CA LEU A 320 6.74 -9.82 -13.04
C LEU A 320 7.58 -8.62 -12.65
N PHE A 321 8.80 -8.85 -12.17
CA PHE A 321 9.71 -7.75 -11.88
C PHE A 321 10.04 -6.96 -13.14
N HIS A 322 10.27 -7.67 -14.25
CA HIS A 322 10.54 -6.99 -15.52
C HIS A 322 9.36 -6.14 -15.95
N VAL A 323 8.14 -6.68 -15.82
CA VAL A 323 6.95 -5.91 -16.18
C VAL A 323 6.78 -4.72 -15.25
N ALA A 324 7.13 -4.87 -13.96
CA ALA A 324 7.09 -3.75 -13.04
C ALA A 324 8.06 -2.65 -13.47
N GLY A 325 9.27 -3.05 -13.87
CA GLY A 325 10.20 -2.06 -14.40
C GLY A 325 9.66 -1.36 -15.63
N LYS A 326 9.00 -2.12 -16.51
CA LYS A 326 8.44 -1.52 -17.72
C LYS A 326 7.33 -0.52 -17.38
N VAL A 327 6.45 -0.86 -16.44
CA VAL A 327 5.38 0.07 -16.07
C VAL A 327 5.96 1.30 -15.39
N PHE A 328 7.03 1.13 -14.61
CA PHE A 328 7.72 2.31 -14.07
C PHE A 328 8.27 3.18 -15.18
N ILE A 329 8.82 2.55 -16.23
CA ILE A 329 9.30 3.31 -17.38
C ILE A 329 8.15 4.11 -17.99
N HIS A 330 7.00 3.47 -18.18
CA HIS A 330 5.86 4.13 -18.81
C HIS A 330 5.16 5.10 -17.87
N LEU A 331 5.36 4.96 -16.56
CA LEU A 331 4.72 5.81 -15.55
C LEU A 331 5.79 6.31 -14.58
N PRO A 332 6.66 7.22 -15.05
CA PRO A 332 7.76 7.66 -14.18
C PRO A 332 7.29 8.30 -12.88
N LEU A 333 6.15 8.97 -12.88
CA LEU A 333 5.69 9.67 -11.68
C LEU A 333 5.25 8.72 -10.57
N LEU A 334 5.12 7.42 -10.84
CA LEU A 334 4.63 6.50 -9.83
C LEU A 334 5.56 6.42 -8.63
N VAL A 335 6.86 6.67 -8.83
CA VAL A 335 7.82 6.54 -7.72
C VAL A 335 7.53 7.54 -6.62
N PHE A 336 6.87 8.65 -6.94
CA PHE A 336 6.63 9.71 -5.97
C PHE A 336 5.33 9.53 -5.20
N GLN A 337 4.54 8.49 -5.49
CA GLN A 337 3.33 8.24 -4.72
C GLN A 337 3.59 8.14 -3.23
N PRO A 338 4.64 7.46 -2.76
CA PRO A 338 4.93 7.47 -1.32
C PRO A 338 5.12 8.85 -0.76
N PHE A 339 5.70 9.79 -1.52
CA PHE A 339 5.89 11.13 -1.00
C PHE A 339 4.55 11.84 -0.79
N TRP A 340 3.63 11.73 -1.76
CA TRP A 340 2.32 12.34 -1.59
C TRP A 340 1.55 11.69 -0.45
N THR A 341 1.63 10.35 -0.36
CA THR A 341 0.96 9.65 0.74
C THR A 341 1.54 10.06 2.08
N PHE A 342 2.85 10.21 2.15
CA PHE A 342 3.50 10.63 3.39
C PHE A 342 3.12 12.07 3.74
N PHE A 343 2.98 12.93 2.74
CA PHE A 343 2.52 14.29 3.00
C PHE A 343 1.12 14.29 3.60
N ALA A 344 0.21 13.52 3.00
CA ALA A 344 -1.15 13.43 3.53
C ALA A 344 -1.15 12.83 4.93
N LEU A 345 -0.37 11.78 5.15
CA LEU A 345 -0.29 11.13 6.45
C LEU A 345 0.29 12.07 7.49
N VAL A 346 1.28 12.87 7.12
CA VAL A 346 1.88 13.82 8.06
C VAL A 346 0.90 14.93 8.39
N LEU A 347 0.14 15.39 7.40
CA LEU A 347 -0.88 16.40 7.69
C LEU A 347 -1.92 15.85 8.67
N PHE A 348 -2.41 14.63 8.42
CA PHE A 348 -3.39 14.04 9.33
C PHE A 348 -2.78 13.80 10.70
N TRP A 349 -1.52 13.36 10.76
CA TRP A 349 -0.88 13.10 12.04
C TRP A 349 -0.68 14.39 12.83
N VAL A 350 -0.32 15.48 12.15
CA VAL A 350 -0.21 16.77 12.83
C VAL A 350 -1.56 17.19 13.38
N TYR A 351 -2.62 17.03 12.59
CA TYR A 351 -3.96 17.36 13.08
C TYR A 351 -4.33 16.49 14.27
N TRP A 352 -4.01 15.19 14.20
CA TRP A 352 -4.36 14.29 15.29
C TRP A 352 -3.59 14.62 16.56
N ILE A 353 -2.31 14.96 16.43
CA ILE A 353 -1.53 15.34 17.60
C ILE A 353 -2.06 16.64 18.19
N MET A 354 -2.42 17.60 17.34
CA MET A 354 -3.02 18.83 17.84
C MET A 354 -4.31 18.54 18.60
N THR A 355 -5.16 17.68 18.04
CA THR A 355 -6.42 17.36 18.71
C THR A 355 -6.20 16.56 19.99
N LEU A 356 -5.18 15.69 20.02
CA LEU A 356 -4.86 14.97 21.24
C LEU A 356 -4.40 15.91 22.33
N LEU A 357 -3.55 16.88 21.98
CA LEU A 357 -3.15 17.89 22.95
C LEU A 357 -4.35 18.71 23.41
N PHE A 358 -5.25 19.07 22.49
CA PHE A 358 -6.45 19.80 22.87
C PHE A 358 -7.29 18.98 23.84
N LEU A 359 -7.46 17.69 23.58
CA LEU A 359 -8.22 16.83 24.47
C LEU A 359 -7.55 16.69 25.83
N GLY A 360 -6.22 16.74 25.87
CA GLY A 360 -5.52 16.74 27.14
C GLY A 360 -5.90 17.87 28.07
N THR A 361 -6.67 18.84 27.57
CA THR A 361 -7.12 19.97 28.39
C THR A 361 -8.60 20.27 28.23
N THR A 362 -9.35 19.49 27.46
CA THR A 362 -10.77 19.74 27.27
C THR A 362 -11.53 19.51 28.57
N GLY A 363 -12.63 20.26 28.73
CA GLY A 363 -13.46 20.14 29.90
C GLY A 363 -14.25 21.40 30.19
N LYS A 376 -11.33 18.93 33.88
CA LYS A 376 -11.83 17.58 33.66
C LYS A 376 -13.04 17.61 32.73
N ILE A 377 -13.22 16.53 31.98
CA ILE A 377 -14.36 16.38 31.07
C ILE A 377 -15.29 15.33 31.63
N SER A 378 -16.56 15.67 31.78
CA SER A 378 -17.55 14.83 32.43
C SER A 378 -18.52 14.24 31.41
N GLY A 379 -19.32 13.29 31.88
CA GLY A 379 -20.34 12.68 31.06
C GLY A 379 -19.79 11.60 30.16
N PRO A 380 -20.62 11.10 29.23
CA PRO A 380 -20.15 10.06 28.32
C PRO A 380 -19.03 10.52 27.40
N LEU A 381 -18.87 11.83 27.21
CA LEU A 381 -17.80 12.36 26.36
C LEU A 381 -16.42 12.15 26.96
N GLN A 382 -16.32 11.51 28.13
CA GLN A 382 -15.02 11.17 28.71
C GLN A 382 -14.28 10.15 27.85
N TYR A 383 -14.99 9.42 26.98
CA TYR A 383 -14.39 8.46 26.07
C TYR A 383 -14.12 9.06 24.70
N MET A 384 -14.15 10.40 24.61
CA MET A 384 -13.79 11.06 23.36
C MET A 384 -12.39 10.68 22.92
N TRP A 385 -11.48 10.43 23.87
CA TRP A 385 -10.13 10.04 23.49
C TRP A 385 -10.05 8.59 23.02
N TRP A 386 -10.90 7.70 23.57
CA TRP A 386 -11.05 6.38 22.97
C TRP A 386 -11.47 6.52 21.51
N TYR A 387 -12.51 7.32 21.27
CA TYR A 387 -12.95 7.59 19.91
C TYR A 387 -11.80 8.13 19.06
N HIS A 388 -11.01 9.03 19.64
CA HIS A 388 -9.92 9.67 18.91
C HIS A 388 -8.84 8.68 18.51
N VAL A 389 -8.46 7.77 19.42
CA VAL A 389 -7.44 6.78 19.08
C VAL A 389 -7.95 5.81 18.02
N VAL A 390 -9.21 5.36 18.18
CA VAL A 390 -9.79 4.51 17.14
C VAL A 390 -9.75 5.22 15.80
N GLY A 391 -10.04 6.52 15.80
CA GLY A 391 -10.01 7.28 14.57
C GLY A 391 -8.62 7.42 14.00
N LEU A 392 -7.62 7.64 14.85
CA LEU A 392 -6.25 7.67 14.37
C LEU A 392 -5.95 6.40 13.59
N ILE A 393 -6.22 5.25 14.21
CA ILE A 393 -5.88 3.98 13.56
C ILE A 393 -6.66 3.84 12.25
N TRP A 394 -7.97 4.05 12.30
CA TRP A 394 -8.80 3.83 11.12
C TRP A 394 -8.40 4.75 9.99
N ILE A 395 -8.19 6.04 10.27
CA ILE A 395 -7.89 7.00 9.23
C ILE A 395 -6.50 6.77 8.64
N SER A 396 -5.52 6.42 9.49
CA SER A 396 -4.20 6.10 8.95
C SER A 396 -4.27 4.89 8.02
N GLU A 397 -4.98 3.85 8.44
CA GLU A 397 -5.16 2.69 7.56
C GLU A 397 -5.91 3.07 6.29
N PHE A 398 -6.88 3.98 6.41
CA PHE A 398 -7.63 4.43 5.24
C PHE A 398 -6.73 5.14 4.25
N ILE A 399 -5.83 6.00 4.73
CA ILE A 399 -4.94 6.71 3.81
C ILE A 399 -3.96 5.74 3.16
N LEU A 400 -3.43 4.79 3.94
CA LEU A 400 -2.53 3.81 3.35
C LEU A 400 -3.26 2.97 2.31
N ALA A 401 -4.49 2.55 2.60
CA ALA A 401 -5.26 1.79 1.62
C ALA A 401 -5.64 2.63 0.42
N CYS A 402 -5.82 3.95 0.59
CA CYS A 402 -6.04 4.83 -0.54
C CYS A 402 -4.82 4.86 -1.44
N GLN A 403 -3.62 4.91 -0.84
CA GLN A 403 -2.40 4.81 -1.63
C GLN A 403 -2.37 3.49 -2.40
N GLN A 404 -2.71 2.39 -1.71
CA GLN A 404 -2.70 1.09 -2.36
C GLN A 404 -3.68 1.06 -3.53
N MET A 405 -4.88 1.62 -3.33
CA MET A 405 -5.89 1.63 -4.39
C MET A 405 -5.45 2.49 -5.56
N THR A 406 -4.82 3.64 -5.29
CA THR A 406 -4.34 4.49 -6.36
C THR A 406 -3.28 3.78 -7.19
N VAL A 407 -2.31 3.14 -6.52
CA VAL A 407 -1.28 2.41 -7.25
C VAL A 407 -1.89 1.27 -8.04
N ALA A 408 -2.84 0.56 -7.43
CA ALA A 408 -3.50 -0.54 -8.13
C ALA A 408 -4.25 -0.05 -9.35
N GLY A 409 -4.93 1.09 -9.24
CA GLY A 409 -5.64 1.63 -10.39
C GLY A 409 -4.70 2.05 -11.51
N ALA A 410 -3.60 2.69 -11.15
CA ALA A 410 -2.62 3.08 -12.17
C ALA A 410 -2.06 1.85 -12.88
N VAL A 411 -1.67 0.83 -12.11
CA VAL A 411 -1.10 -0.37 -12.72
C VAL A 411 -2.15 -1.10 -13.56
N VAL A 412 -3.40 -1.11 -13.10
CA VAL A 412 -4.46 -1.75 -13.85
C VAL A 412 -4.70 -1.03 -15.18
N THR A 413 -4.73 0.30 -15.15
CA THR A 413 -4.90 1.06 -16.38
C THR A 413 -3.75 0.80 -17.35
N TYR A 414 -2.52 0.72 -16.83
CA TYR A 414 -1.39 0.40 -17.68
C TYR A 414 -1.52 -1.00 -18.28
N TYR A 415 -1.91 -1.98 -17.46
CA TYR A 415 -1.85 -3.38 -17.87
C TYR A 415 -2.94 -3.72 -18.87
N PHE A 416 -4.16 -3.26 -18.65
CA PHE A 416 -5.30 -3.64 -19.47
C PHE A 416 -5.47 -2.75 -20.69
N THR A 417 -4.60 -1.76 -20.87
CA THR A 417 -4.59 -0.97 -22.10
C THR A 417 -3.88 -1.77 -23.18
N ARG A 418 -4.56 -1.99 -24.30
CA ARG A 418 -4.05 -2.90 -25.32
C ARG A 418 -2.66 -2.50 -25.78
N ASP A 419 -2.55 -1.32 -26.40
CA ASP A 419 -1.27 -0.74 -26.79
C ASP A 419 -0.99 0.50 -25.96
N LYS A 420 0.28 0.72 -25.65
CA LYS A 420 0.67 1.73 -24.66
C LYS A 420 0.79 3.13 -25.25
N ARG A 421 0.57 3.30 -26.56
CA ARG A 421 0.68 4.61 -27.17
C ARG A 421 -0.56 5.47 -27.00
N ASN A 422 -1.68 4.88 -26.59
CA ASN A 422 -2.90 5.63 -26.27
C ASN A 422 -3.17 5.62 -24.77
N LEU A 423 -2.11 5.64 -23.97
CA LEU A 423 -2.27 5.70 -22.53
C LEU A 423 -2.90 7.03 -22.13
N PRO A 424 -3.62 7.07 -21.00
CA PRO A 424 -4.17 8.35 -20.54
C PRO A 424 -3.07 9.37 -20.31
N PHE A 425 -3.42 10.65 -20.53
CA PHE A 425 -2.43 11.71 -20.38
C PHE A 425 -1.84 11.73 -18.97
N THR A 426 -2.69 11.54 -17.96
CA THR A 426 -2.27 11.49 -16.56
C THR A 426 -2.84 10.23 -15.93
N PRO A 427 -2.19 9.08 -16.12
CA PRO A 427 -2.74 7.84 -15.55
C PRO A 427 -2.93 7.90 -14.04
N ILE A 428 -1.99 8.48 -13.31
CA ILE A 428 -2.09 8.52 -11.85
C ILE A 428 -3.22 9.44 -11.42
N LEU A 429 -3.35 10.59 -12.07
CA LEU A 429 -4.45 11.50 -11.73
C LEU A 429 -5.80 10.86 -12.06
N ALA A 430 -5.88 10.13 -13.17
CA ALA A 430 -7.11 9.42 -13.49
C ALA A 430 -7.42 8.36 -12.45
N SER A 431 -6.40 7.63 -11.99
CA SER A 431 -6.63 6.65 -10.94
C SER A 431 -7.12 7.31 -9.67
N VAL A 432 -6.55 8.45 -9.31
CA VAL A 432 -6.99 9.16 -8.11
C VAL A 432 -8.43 9.62 -8.27
N ASN A 433 -8.78 10.13 -9.45
CA ASN A 433 -10.16 10.57 -9.69
C ASN A 433 -11.12 9.40 -9.58
N ARG A 434 -10.75 8.25 -10.14
CA ARG A 434 -11.62 7.08 -10.05
C ARG A 434 -11.76 6.61 -8.62
N LEU A 435 -10.67 6.66 -7.84
CA LEU A 435 -10.73 6.28 -6.44
C LEU A 435 -11.64 7.21 -5.65
N ILE A 436 -11.57 8.51 -5.93
CA ILE A 436 -12.35 9.49 -5.17
C ILE A 436 -13.82 9.38 -5.53
N ARG A 437 -14.14 9.44 -6.83
CA ARG A 437 -15.54 9.41 -7.25
C ARG A 437 -16.18 8.07 -6.91
N TYR A 438 -15.48 6.96 -7.15
CA TYR A 438 -15.97 5.63 -6.86
C TYR A 438 -14.92 4.86 -6.07
N HIS A 439 -15.39 3.85 -5.33
CA HIS A 439 -14.56 2.90 -4.59
C HIS A 439 -14.01 3.45 -3.29
N LEU A 440 -14.40 4.67 -2.89
CA LEU A 440 -13.97 5.17 -1.59
C LEU A 440 -14.52 4.30 -0.46
N GLY A 441 -15.76 3.83 -0.61
CA GLY A 441 -16.32 2.95 0.40
C GLY A 441 -15.55 1.65 0.52
N THR A 442 -15.04 1.13 -0.60
CA THR A 442 -14.24 -0.10 -0.55
C THR A 442 -12.98 0.11 0.28
N VAL A 443 -12.29 1.21 0.06
CA VAL A 443 -11.08 1.50 0.84
C VAL A 443 -11.43 1.72 2.30
N ALA A 444 -12.56 2.39 2.56
CA ALA A 444 -12.97 2.59 3.95
C ALA A 444 -13.24 1.28 4.65
N LYS A 445 -13.93 0.35 3.98
CA LYS A 445 -14.21 -0.94 4.59
C LYS A 445 -12.93 -1.74 4.80
N GLY A 446 -12.01 -1.68 3.83
CA GLY A 446 -10.74 -2.38 4.01
C GLY A 446 -9.97 -1.85 5.20
N SER A 447 -9.90 -0.52 5.33
CA SER A 447 -9.21 0.06 6.48
C SER A 447 -9.91 -0.29 7.78
N PHE A 448 -11.25 -0.33 7.77
CA PHE A 448 -11.98 -0.72 8.98
C PHE A 448 -11.63 -2.15 9.36
N ILE A 449 -11.60 -3.06 8.39
CA ILE A 449 -11.25 -4.45 8.68
C ILE A 449 -9.84 -4.53 9.24
N ILE A 450 -8.91 -3.77 8.67
CA ILE A 450 -7.53 -3.80 9.14
C ILE A 450 -7.44 -3.29 10.56
N THR A 451 -8.10 -2.17 10.86
CA THR A 451 -7.99 -1.59 12.20
C THR A 451 -8.72 -2.44 13.23
N LEU A 452 -9.79 -3.14 12.85
CA LEU A 452 -10.49 -4.00 13.79
C LEU A 452 -9.55 -5.06 14.36
N VAL A 453 -8.53 -5.46 13.60
CA VAL A 453 -7.54 -6.40 14.09
C VAL A 453 -6.32 -5.67 14.66
N LYS A 454 -5.99 -4.50 14.14
CA LYS A 454 -4.85 -3.75 14.66
C LYS A 454 -5.08 -3.33 16.10
N ILE A 455 -6.28 -2.85 16.42
CA ILE A 455 -6.55 -2.38 17.78
C ILE A 455 -6.32 -3.49 18.80
N PRO A 456 -6.85 -4.70 18.63
CA PRO A 456 -6.51 -5.78 19.57
C PRO A 456 -5.02 -6.00 19.69
N ARG A 457 -4.27 -5.89 18.59
CA ARG A 457 -2.82 -6.09 18.66
C ARG A 457 -2.17 -5.03 19.54
N MET A 458 -2.56 -3.77 19.37
CA MET A 458 -1.98 -2.70 20.19
C MET A 458 -2.34 -2.89 21.66
N ILE A 459 -3.61 -3.23 21.93
CA ILE A 459 -4.03 -3.44 23.32
C ILE A 459 -3.26 -4.59 23.95
N LEU A 460 -3.09 -5.69 23.20
CA LEU A 460 -2.34 -6.84 23.71
C LEU A 460 -0.90 -6.46 23.96
N MET A 461 -0.28 -5.69 23.06
CA MET A 461 1.11 -5.28 23.26
C MET A 461 1.24 -4.43 24.52
N TYR A 462 0.33 -3.47 24.71
CA TYR A 462 0.40 -2.63 25.88
C TYR A 462 0.19 -3.45 27.16
N ILE A 463 -0.79 -4.35 27.16
CA ILE A 463 -1.06 -5.15 28.35
C ILE A 463 0.12 -6.05 28.67
N HIS A 464 0.71 -6.69 27.66
CA HIS A 464 1.88 -7.54 27.89
C HIS A 464 3.04 -6.73 28.44
N SER A 465 3.27 -5.53 27.89
CA SER A 465 4.31 -4.67 28.43
C SER A 465 4.02 -4.29 29.88
N GLN A 466 2.75 -4.13 30.22
CA GLN A 466 2.34 -3.81 31.59
C GLN A 466 2.15 -5.08 32.43
N LEU A 467 3.19 -5.90 32.48
CA LEU A 467 3.15 -7.13 33.27
C LEU A 467 4.42 -7.26 34.11
N LYS A 480 2.68 -13.02 30.59
CA LYS A 480 3.55 -14.16 30.32
C LYS A 480 3.58 -14.49 28.83
N SER A 481 3.08 -15.67 28.48
CA SER A 481 3.04 -16.06 27.07
C SER A 481 2.22 -15.06 26.28
N CYS A 482 2.75 -14.65 25.13
CA CYS A 482 2.13 -13.63 24.30
C CYS A 482 1.46 -14.28 23.09
N ILE A 483 0.17 -14.01 22.92
CA ILE A 483 -0.56 -14.46 21.75
C ILE A 483 -0.61 -13.39 20.67
N CYS A 484 0.29 -12.41 20.73
CA CYS A 484 0.34 -11.32 19.76
C CYS A 484 0.72 -11.79 18.36
N CYS A 485 0.90 -13.10 18.17
CA CYS A 485 1.17 -13.63 16.83
C CYS A 485 0.03 -13.35 15.86
N LEU A 486 -1.09 -12.78 16.34
CA LEU A 486 -2.15 -12.35 15.44
C LEU A 486 -1.68 -11.26 14.49
N TRP A 487 -0.55 -10.62 14.79
CA TRP A 487 0.06 -9.69 13.84
C TRP A 487 0.31 -10.36 12.50
N CYS A 488 0.60 -11.67 12.51
CA CYS A 488 0.67 -12.42 11.26
C CYS A 488 -0.67 -12.43 10.55
N LEU A 489 -1.75 -12.60 11.31
CA LEU A 489 -3.08 -12.53 10.71
C LEU A 489 -3.35 -11.14 10.14
N GLU A 490 -2.96 -10.10 10.87
CA GLU A 490 -3.11 -8.74 10.36
C GLU A 490 -2.26 -8.53 9.11
N LYS A 491 -1.02 -9.01 9.12
CA LYS A 491 -0.16 -8.87 7.95
C LYS A 491 -0.74 -9.64 6.77
N CYS A 492 -1.21 -10.86 7.01
CA CYS A 492 -1.86 -11.62 5.95
C CYS A 492 -3.14 -10.94 5.48
N LEU A 493 -3.93 -10.41 6.43
CA LEU A 493 -5.16 -9.72 6.07
C LEU A 493 -4.84 -8.47 5.24
N ASN A 494 -3.77 -7.76 5.59
CA ASN A 494 -3.40 -6.57 4.82
C ASN A 494 -3.07 -6.94 3.38
N TYR A 495 -2.37 -8.06 3.17
CA TYR A 495 -2.09 -8.50 1.81
C TYR A 495 -3.37 -8.83 1.07
N LEU A 496 -4.33 -9.48 1.74
CA LEU A 496 -5.60 -9.80 1.11
C LEU A 496 -6.34 -8.53 0.70
N ASN A 497 -6.28 -7.50 1.54
CA ASN A 497 -6.95 -6.24 1.23
C ASN A 497 -6.36 -5.61 -0.03
N GLN A 498 -5.04 -5.64 -0.17
CA GLN A 498 -4.41 -5.07 -1.36
C GLN A 498 -4.88 -5.81 -2.61
N ASN A 499 -4.93 -7.14 -2.55
CA ASN A 499 -5.45 -7.92 -3.67
C ASN A 499 -6.95 -7.71 -3.86
N ALA A 500 -7.66 -7.26 -2.82
CA ALA A 500 -9.07 -6.97 -2.95
C ALA A 500 -9.30 -5.64 -3.65
N TYR A 501 -8.41 -4.67 -3.44
CA TYR A 501 -8.54 -3.38 -4.11
C TYR A 501 -8.31 -3.52 -5.62
N THR A 502 -7.32 -4.32 -6.01
CA THR A 502 -7.06 -4.55 -7.43
C THR A 502 -8.26 -5.22 -8.09
N ALA A 503 -8.85 -6.22 -7.43
CA ALA A 503 -10.03 -6.86 -7.98
C ALA A 503 -11.21 -5.90 -8.05
N THR A 504 -11.26 -4.93 -7.14
CA THR A 504 -12.28 -3.89 -7.19
C THR A 504 -12.00 -2.90 -8.31
N ALA A 505 -10.73 -2.69 -8.64
CA ALA A 505 -10.36 -1.72 -9.66
C ALA A 505 -10.66 -2.24 -11.06
N ILE A 506 -10.71 -3.56 -11.23
CA ILE A 506 -11.00 -4.14 -12.55
C ILE A 506 -12.51 -4.26 -12.76
N ASN A 507 -13.18 -5.02 -11.90
CA ASN A 507 -14.59 -5.35 -12.10
C ASN A 507 -15.54 -4.38 -11.44
N SER A 508 -15.05 -3.37 -10.72
CA SER A 508 -15.91 -2.40 -10.04
C SER A 508 -16.90 -3.10 -9.12
N THR A 509 -16.41 -4.11 -8.40
CA THR A 509 -17.23 -4.92 -7.52
C THR A 509 -17.13 -4.41 -6.09
N ASN A 510 -18.15 -4.71 -5.29
CA ASN A 510 -18.13 -4.38 -3.88
C ASN A 510 -16.95 -5.06 -3.19
N PHE A 511 -16.68 -4.66 -1.96
CA PHE A 511 -15.50 -5.16 -1.26
C PHE A 511 -15.62 -6.66 -0.99
N CYS A 512 -16.81 -7.13 -0.60
CA CYS A 512 -16.96 -8.54 -0.28
C CYS A 512 -16.70 -9.42 -1.49
N THR A 513 -17.33 -9.10 -2.62
CA THR A 513 -17.13 -9.89 -3.83
C THR A 513 -15.68 -9.82 -4.31
N SER A 514 -15.09 -8.63 -4.27
CA SER A 514 -13.71 -8.48 -4.71
C SER A 514 -12.75 -9.27 -3.82
N ALA A 515 -12.97 -9.23 -2.50
CA ALA A 515 -12.13 -10.00 -1.58
C ALA A 515 -12.30 -11.49 -1.81
N LYS A 516 -13.53 -11.95 -2.03
CA LYS A 516 -13.74 -13.37 -2.32
C LYS A 516 -13.01 -13.78 -3.59
N ASP A 517 -13.11 -12.97 -4.64
CA ASP A 517 -12.43 -13.29 -5.89
C ASP A 517 -10.92 -13.29 -5.69
N ALA A 518 -10.39 -12.31 -4.95
CA ALA A 518 -8.96 -12.25 -4.71
C ALA A 518 -8.48 -13.46 -3.94
N PHE A 519 -9.23 -13.87 -2.91
CA PHE A 519 -8.86 -15.05 -2.15
C PHE A 519 -8.89 -16.30 -3.03
N VAL A 520 -9.92 -16.42 -3.87
CA VAL A 520 -10.02 -17.58 -4.76
C VAL A 520 -8.82 -17.62 -5.70
N ILE A 521 -8.45 -16.49 -6.27
CA ILE A 521 -7.30 -16.44 -7.18
C ILE A 521 -6.03 -16.79 -6.42
N LEU A 522 -5.86 -16.24 -5.22
CA LEU A 522 -4.64 -16.48 -4.46
C LEU A 522 -4.48 -17.95 -4.10
N VAL A 523 -5.56 -18.59 -3.64
CA VAL A 523 -5.48 -20.00 -3.31
C VAL A 523 -5.29 -20.85 -4.56
N GLU A 524 -5.94 -20.45 -5.66
CA GLU A 524 -5.75 -21.15 -6.92
C GLU A 524 -4.30 -21.08 -7.41
N ASN A 525 -3.55 -20.07 -6.97
CA ASN A 525 -2.15 -19.89 -7.31
C ASN A 525 -1.33 -19.73 -6.03
N ALA A 526 -1.57 -20.62 -5.06
CA ALA A 526 -0.92 -20.48 -3.76
C ALA A 526 0.58 -20.57 -3.87
N LEU A 527 1.09 -21.52 -4.66
CA LEU A 527 2.54 -21.68 -4.78
C LEU A 527 3.17 -20.46 -5.44
N ARG A 528 2.53 -19.91 -6.47
CA ARG A 528 3.06 -18.72 -7.13
C ARG A 528 3.09 -17.54 -6.16
N VAL A 529 2.08 -17.43 -5.30
CA VAL A 529 2.04 -16.33 -4.35
C VAL A 529 3.16 -16.47 -3.32
N ALA A 530 3.45 -17.71 -2.90
CA ALA A 530 4.53 -17.91 -1.95
C ALA A 530 5.87 -17.53 -2.56
N THR A 531 6.11 -17.91 -3.82
CA THR A 531 7.39 -17.60 -4.45
C THR A 531 7.55 -16.11 -4.68
N ILE A 532 6.48 -15.43 -5.11
CA ILE A 532 6.58 -14.00 -5.38
C ILE A 532 6.76 -13.22 -4.09
N ASN A 533 6.17 -13.69 -2.98
CA ASN A 533 6.21 -12.98 -1.71
C ASN A 533 7.37 -13.40 -0.82
N THR A 534 8.15 -14.41 -1.20
CA THR A 534 9.29 -14.85 -0.42
C THR A 534 10.61 -14.72 -1.18
N VAL A 535 10.63 -15.06 -2.47
CA VAL A 535 11.81 -14.82 -3.28
C VAL A 535 11.84 -13.38 -3.77
N GLY A 536 10.72 -12.91 -4.32
CA GLY A 536 10.66 -11.54 -4.79
C GLY A 536 10.96 -10.54 -3.68
N ASP A 537 10.34 -10.74 -2.51
CA ASP A 537 10.58 -9.85 -1.39
C ASP A 537 12.05 -9.88 -0.96
N PHE A 538 12.67 -11.06 -0.98
CA PHE A 538 14.07 -11.15 -0.59
C PHE A 538 14.96 -10.34 -1.54
N MET A 539 14.70 -10.43 -2.85
CA MET A 539 15.48 -9.65 -3.79
C MET A 539 15.26 -8.15 -3.60
N LEU A 540 14.05 -7.75 -3.21
CA LEU A 540 13.80 -6.35 -2.91
C LEU A 540 14.64 -5.91 -1.72
N PHE A 541 14.75 -6.75 -0.70
CA PHE A 541 15.55 -6.40 0.47
C PHE A 541 17.01 -6.21 0.09
N LEU A 542 17.54 -7.10 -0.77
CA LEU A 542 18.90 -6.93 -1.24
C LEU A 542 19.06 -5.63 -2.03
N GLY A 543 18.00 -5.22 -2.74
CA GLY A 543 18.05 -3.93 -3.41
C GLY A 543 18.17 -2.78 -2.44
N LYS A 544 17.44 -2.84 -1.32
CA LYS A 544 17.55 -1.81 -0.30
C LYS A 544 18.98 -1.75 0.25
N VAL A 545 19.57 -2.92 0.52
CA VAL A 545 20.94 -2.96 1.02
C VAL A 545 21.89 -2.36 -0.01
N LEU A 546 21.59 -2.52 -1.29
CA LEU A 546 22.43 -1.93 -2.33
C LEU A 546 22.40 -0.41 -2.25
N ILE A 547 21.22 0.18 -2.04
CA ILE A 547 21.11 1.63 -2.02
C ILE A 547 21.84 2.22 -0.82
N VAL A 548 21.60 1.66 0.37
CA VAL A 548 22.23 2.22 1.57
C VAL A 548 23.74 2.04 1.52
N CYS A 549 24.21 0.89 1.04
CA CYS A 549 25.65 0.64 1.01
C CYS A 549 26.35 1.63 0.09
N SER A 550 25.81 1.84 -1.11
CA SER A 550 26.44 2.76 -2.06
C SER A 550 26.42 4.19 -1.53
N THR A 551 25.30 4.63 -0.97
CA THR A 551 25.20 5.99 -0.45
C THR A 551 26.20 6.22 0.68
N GLY A 552 26.32 5.25 1.59
CA GLY A 552 27.28 5.35 2.67
C GLY A 552 28.70 5.04 2.28
N LEU A 553 28.91 4.54 1.06
CA LEU A 553 30.26 4.27 0.57
C LEU A 553 31.09 5.55 0.41
N ALA A 554 30.45 6.72 0.42
CA ALA A 554 31.19 7.96 0.28
C ALA A 554 32.21 8.12 1.41
N GLY A 555 31.82 7.80 2.63
CA GLY A 555 32.71 7.89 3.77
C GLY A 555 33.11 6.54 4.31
N PRO A 571 29.16 11.60 11.55
CA PRO A 571 29.18 12.70 10.59
C PRO A 571 28.20 12.50 9.44
N LEU A 572 28.38 11.43 8.67
CA LEU A 572 27.51 11.10 7.56
C LEU A 572 26.48 10.03 7.90
N ILE A 573 26.31 9.73 9.20
CA ILE A 573 25.34 8.71 9.60
C ILE A 573 23.94 9.12 9.16
N ILE A 574 23.62 10.42 9.25
CA ILE A 574 22.29 10.87 8.85
C ILE A 574 22.06 10.61 7.38
N VAL A 575 23.12 10.63 6.56
CA VAL A 575 22.97 10.32 5.14
C VAL A 575 22.52 8.89 4.95
N CYS A 576 23.12 7.95 5.68
CA CYS A 576 22.73 6.55 5.55
C CYS A 576 21.29 6.33 6.00
N LEU A 577 20.86 7.05 7.05
CA LEU A 577 19.49 6.92 7.50
C LEU A 577 18.50 7.39 6.44
N PHE A 578 18.79 8.53 5.80
CA PHE A 578 17.89 9.07 4.79
C PHE A 578 17.81 8.14 3.58
N ALA A 579 18.93 7.56 3.17
CA ALA A 579 18.93 6.64 2.04
C ALA A 579 18.08 5.41 2.34
N PHE A 580 18.14 4.91 3.57
CA PHE A 580 17.32 3.77 3.94
C PHE A 580 15.84 4.11 3.91
N LEU A 581 15.48 5.30 4.41
CA LEU A 581 14.07 5.69 4.43
C LEU A 581 13.50 5.82 3.03
N VAL A 582 14.26 6.44 2.12
CA VAL A 582 13.79 6.59 0.75
C VAL A 582 13.76 5.24 0.04
N ALA A 583 14.75 4.38 0.33
CA ALA A 583 14.79 3.08 -0.32
C ALA A 583 13.58 2.23 0.07
N HIS A 584 13.16 2.30 1.33
CA HIS A 584 11.99 1.56 1.76
C HIS A 584 10.71 2.04 1.09
N CYS A 585 10.70 3.27 0.59
CA CYS A 585 9.53 3.81 -0.09
C CYS A 585 9.49 3.41 -1.55
N PHE A 586 10.58 3.65 -2.29
CA PHE A 586 10.62 3.27 -3.69
C PHE A 586 10.48 1.77 -3.86
N LEU A 587 11.16 0.98 -3.01
CA LEU A 587 11.02 -0.46 -3.08
C LEU A 587 9.62 -0.91 -2.67
N SER A 588 9.01 -0.20 -1.71
CA SER A 588 7.66 -0.55 -1.28
C SER A 588 6.68 -0.46 -2.45
N ILE A 589 6.81 0.59 -3.27
CA ILE A 589 5.94 0.70 -4.44
C ILE A 589 6.27 -0.37 -5.46
N TYR A 590 7.54 -0.82 -5.50
CA TYR A 590 7.88 -1.90 -6.42
C TYR A 590 7.21 -3.21 -6.01
N GLU A 591 7.08 -3.44 -4.70
CA GLU A 591 6.34 -4.60 -4.23
C GLU A 591 4.84 -4.44 -4.49
N MET A 592 4.32 -3.22 -4.38
CA MET A 592 2.92 -2.97 -4.68
C MET A 592 2.64 -3.19 -6.16
N VAL A 593 3.54 -2.76 -7.03
CA VAL A 593 3.33 -2.89 -8.46
C VAL A 593 3.49 -4.34 -8.90
N VAL A 594 4.40 -5.08 -8.28
CA VAL A 594 4.57 -6.49 -8.60
C VAL A 594 3.34 -7.28 -8.17
N ASP A 595 2.84 -7.02 -6.97
CA ASP A 595 1.67 -7.74 -6.47
C ASP A 595 0.44 -7.42 -7.31
N VAL A 596 0.24 -6.15 -7.65
CA VAL A 596 -0.91 -5.77 -8.48
C VAL A 596 -0.77 -6.38 -9.87
N LEU A 597 0.46 -6.42 -10.39
CA LEU A 597 0.68 -7.00 -11.71
C LEU A 597 0.36 -8.49 -11.71
N PHE A 598 0.62 -9.17 -10.58
CA PHE A 598 0.32 -10.60 -10.51
C PHE A 598 -1.19 -10.85 -10.55
N LEU A 599 -1.95 -10.12 -9.73
CA LEU A 599 -3.40 -10.33 -9.70
C LEU A 599 -4.03 -9.99 -11.04
N CYS A 600 -3.60 -8.89 -11.66
CA CYS A 600 -4.07 -8.58 -13.00
C CYS A 600 -3.70 -9.68 -13.99
N PHE A 601 -2.55 -10.31 -13.79
CA PHE A 601 -2.14 -11.41 -14.66
C PHE A 601 -3.03 -12.63 -14.45
N ALA A 602 -3.47 -12.87 -13.22
CA ALA A 602 -4.33 -14.01 -12.93
C ALA A 602 -5.76 -13.78 -13.38
N ILE A 603 -6.24 -12.54 -13.28
CA ILE A 603 -7.59 -12.22 -13.76
C ILE A 603 -7.66 -12.41 -15.26
N ASP A 604 -6.62 -11.99 -15.98
CA ASP A 604 -6.58 -12.18 -17.43
C ASP A 604 -6.60 -13.66 -17.79
N THR A 605 -5.82 -14.47 -17.08
CA THR A 605 -5.76 -15.90 -17.38
C THR A 605 -7.11 -16.56 -17.16
N LYS A 606 -7.79 -16.23 -16.05
CA LYS A 606 -9.05 -16.88 -15.75
C LYS A 606 -10.15 -16.45 -16.71
N TYR A 607 -10.22 -15.15 -17.01
CA TYR A 607 -11.31 -14.61 -17.80
C TYR A 607 -11.02 -14.57 -19.29
N ASN A 608 -9.82 -14.93 -19.72
CA ASN A 608 -9.45 -14.84 -21.12
C ASN A 608 -8.48 -15.98 -21.46
N ASP A 609 -8.41 -16.28 -22.75
CA ASP A 609 -7.52 -17.33 -23.26
C ASP A 609 -6.94 -16.84 -24.58
N GLY A 610 -6.27 -17.73 -25.30
CA GLY A 610 -5.68 -17.40 -26.57
C GLY A 610 -6.64 -17.38 -27.74
N SER A 611 -7.90 -17.71 -27.51
CA SER A 611 -8.88 -17.74 -28.60
C SER A 611 -9.22 -16.32 -29.04
N PRO A 612 -9.66 -16.15 -30.29
CA PRO A 612 -10.05 -14.82 -30.76
C PRO A 612 -11.25 -14.29 -29.99
N GLY A 613 -11.30 -12.96 -29.83
CA GLY A 613 -12.35 -12.32 -29.07
C GLY A 613 -12.09 -12.24 -27.58
N ARG A 614 -11.11 -12.98 -27.07
CA ARG A 614 -10.73 -12.94 -25.67
C ARG A 614 -9.21 -12.88 -25.56
N GLU A 615 -8.60 -12.00 -26.35
CA GLU A 615 -7.15 -11.96 -26.45
C GLU A 615 -6.53 -11.43 -25.16
N PHE A 616 -5.34 -11.95 -24.84
CA PHE A 616 -4.66 -11.57 -23.61
C PHE A 616 -4.19 -10.12 -23.69
N TYR A 617 -4.24 -9.44 -22.54
CA TYR A 617 -3.75 -8.07 -22.41
C TYR A 617 -2.33 -8.01 -21.85
N MET A 618 -1.75 -9.15 -21.46
CA MET A 618 -0.47 -9.11 -20.77
C MET A 618 0.68 -8.90 -21.76
N ASP A 619 1.87 -8.71 -21.21
CA ASP A 619 3.05 -8.43 -22.00
C ASP A 619 3.63 -9.71 -22.59
N LYS A 620 4.58 -9.54 -23.50
CA LYS A 620 5.20 -10.69 -24.16
C LYS A 620 5.94 -11.56 -23.15
N VAL A 621 6.62 -10.95 -22.18
CA VAL A 621 7.43 -11.71 -21.23
C VAL A 621 6.54 -12.67 -20.43
N LEU A 622 5.40 -12.18 -19.95
CA LEU A 622 4.48 -13.01 -19.19
C LEU A 622 3.63 -13.92 -20.07
N MET A 623 3.61 -13.67 -21.38
CA MET A 623 2.78 -14.49 -22.27
C MET A 623 3.23 -15.95 -22.26
N GLU A 624 4.54 -16.18 -22.30
CA GLU A 624 5.06 -17.55 -22.40
C GLU A 624 4.79 -18.37 -21.15
N PHE A 625 4.44 -17.74 -20.03
CA PHE A 625 4.27 -18.46 -18.77
C PHE A 625 2.90 -19.11 -18.64
N VAL A 626 1.99 -18.88 -19.59
CA VAL A 626 0.68 -19.53 -19.55
C VAL A 626 -0.04 -19.32 -20.88
#